data_5V2H
#
_entry.id   5V2H
#
_cell.length_a   79.029
_cell.length_b   31.901
_cell.length_c   33.782
_cell.angle_alpha   90.000
_cell.angle_beta   90.461
_cell.angle_gamma   90.000
#
_symmetry.space_group_name_H-M   'C 1 2 1'
#
loop_
_entity.id
_entity.type
_entity.pdbx_description
1 polymer "RNA (5'-R(*(CBV)P*GP*AP*AP*(ZTH)P*UP*CP*G)-3')"
2 non-polymer 'COBALT HEXAMMINE(III)'
3 non-polymer 'MAGNESIUM ION'
4 water water
#
_entity_poly.entity_id   1
_entity_poly.type   'polyribonucleotide'
_entity_poly.pdbx_seq_one_letter_code
;(CBV)GAA(ZTH)UCG
;
_entity_poly.pdbx_strand_id   A,B,C,D
#